data_7NWN
#
_entry.id   7NWN
#
_cell.length_a   172.671
_cell.length_b   172.671
_cell.length_c   172.671
_cell.angle_alpha   90.000
_cell.angle_beta   90.000
_cell.angle_gamma   90.000
#
_symmetry.space_group_name_H-M   'I 4 3 2'
#
loop_
_entity.id
_entity.type
_entity.pdbx_description
1 polymer Beta-xylanase
2 non-polymer DI(HYDROXYETHYL)ETHER
3 non-polymer 1,2-ETHANEDIOL
4 non-polymer 'CALCIUM ION'
5 non-polymer 'HEXAETHYLENE GLYCOL'
6 water water
#
_entity_poly.entity_id   1
_entity_poly.type   'polypeptide(L)'
_entity_poly.pdbx_seq_one_letter_code
;MGSSHHHHHHSSENLYFQGHKRIYVSYGSPVIDGEVDDIWNNVEWNIPRIYSATTQTNAKFKLMWDDNALYVLAEVYDPV
LNSANSTPYQQDSVEIFLDENFDRAISYQSDDLHYRVNYNNFKTTDAGDILRFYTKTKLLPDGYRVEARIALSKKPINGT
IMGFEFQVNEADSSARRVATINMFDNTGNAWQNPSLFGEIKLKGRSDNAVVPINP
;
_entity_poly.pdbx_strand_id   AAA
#
# COMPACT_ATOMS: atom_id res chain seq x y z
N LYS A 21 12.24 7.89 5.19
CA LYS A 21 12.19 9.08 4.26
C LYS A 21 10.75 9.36 3.81
N ARG A 22 10.59 9.99 2.62
CA ARG A 22 9.34 10.69 2.32
C ARG A 22 8.93 10.55 0.86
N ILE A 23 7.67 10.15 0.62
CA ILE A 23 7.10 10.09 -0.73
C ILE A 23 6.05 11.21 -0.86
N TYR A 24 6.16 12.00 -1.94
CA TYR A 24 5.19 13.05 -2.28
C TYR A 24 4.12 12.37 -3.14
N VAL A 25 2.86 12.47 -2.74
CA VAL A 25 1.76 11.79 -3.40
C VAL A 25 0.90 12.84 -4.12
N SER A 26 0.76 12.63 -5.43
CA SER A 26 -0.13 13.46 -6.25
C SER A 26 -1.61 13.11 -6.08
N TYR A 27 -2.45 14.09 -6.44
CA TYR A 27 -3.89 14.09 -6.28
C TYR A 27 -4.50 13.43 -7.51
N GLY A 28 -5.45 12.53 -7.28
CA GLY A 28 -6.09 11.83 -8.40
C GLY A 28 -7.01 10.74 -7.89
N SER A 29 -7.95 10.33 -8.75
N SER A 29 -7.88 10.21 -8.77
CA SER A 29 -9.01 9.41 -8.38
CA SER A 29 -9.01 9.42 -8.33
C SER A 29 -9.01 8.25 -9.39
C SER A 29 -9.16 8.19 -9.24
N PRO A 30 -8.30 7.14 -9.11
CA PRO A 30 -8.36 5.97 -9.99
C PRO A 30 -9.58 5.07 -9.78
N VAL A 31 -9.80 4.25 -10.82
CA VAL A 31 -10.87 3.26 -10.79
C VAL A 31 -10.29 1.95 -10.24
N ILE A 32 -10.99 1.36 -9.25
CA ILE A 32 -10.49 0.14 -8.59
C ILE A 32 -10.97 -1.07 -9.41
N ASP A 33 -10.03 -1.69 -10.15
CA ASP A 33 -10.42 -2.79 -11.04
C ASP A 33 -9.23 -3.71 -11.36
N GLY A 34 -8.03 -3.42 -10.82
CA GLY A 34 -6.87 -4.24 -11.12
C GLY A 34 -6.18 -3.83 -12.43
N GLU A 35 -6.72 -2.81 -13.11
CA GLU A 35 -6.13 -2.33 -14.38
C GLU A 35 -5.45 -0.98 -14.13
N VAL A 36 -4.43 -0.67 -14.93
CA VAL A 36 -3.60 0.50 -14.74
C VAL A 36 -4.27 1.63 -15.49
N ASP A 37 -5.00 2.46 -14.75
CA ASP A 37 -5.59 3.68 -15.28
C ASP A 37 -4.50 4.51 -15.96
N ASP A 38 -4.87 5.20 -17.05
CA ASP A 38 -4.05 6.20 -17.72
C ASP A 38 -3.40 7.14 -16.67
N ILE A 39 -4.18 7.60 -15.69
CA ILE A 39 -3.63 8.57 -14.74
C ILE A 39 -2.50 8.02 -13.86
N TRP A 40 -2.45 6.68 -13.66
CA TRP A 40 -1.35 6.14 -12.87
C TRP A 40 -0.03 6.33 -13.59
N ASN A 41 -0.05 6.37 -14.93
CA ASN A 41 1.17 6.57 -15.72
C ASN A 41 1.80 7.96 -15.50
N ASN A 42 1.09 8.90 -14.89
CA ASN A 42 1.59 10.24 -14.62
C ASN A 42 2.31 10.35 -13.27
N VAL A 43 2.38 9.26 -12.47
CA VAL A 43 3.09 9.30 -11.20
C VAL A 43 4.18 8.22 -11.23
N GLU A 44 5.11 8.33 -10.30
CA GLU A 44 6.34 7.54 -10.32
C GLU A 44 6.18 6.29 -9.44
N TRP A 45 6.85 5.23 -9.88
CA TRP A 45 7.03 4.01 -9.09
C TRP A 45 7.91 4.26 -7.86
N ASN A 46 7.54 3.72 -6.72
CA ASN A 46 8.40 3.64 -5.55
C ASN A 46 8.88 2.21 -5.50
N ILE A 47 10.18 2.00 -5.26
CA ILE A 47 10.81 0.69 -5.31
C ILE A 47 11.23 0.35 -3.88
N PRO A 48 10.56 -0.59 -3.20
CA PRO A 48 10.99 -0.96 -1.85
C PRO A 48 12.26 -1.80 -2.02
N ARG A 49 13.31 -1.48 -1.27
CA ARG A 49 14.60 -2.13 -1.45
C ARG A 49 15.11 -2.81 -0.16
N ILE A 50 14.29 -2.94 0.88
CA ILE A 50 14.68 -3.58 2.13
C ILE A 50 14.21 -5.04 2.07
N TYR A 51 15.15 -5.93 1.76
CA TYR A 51 14.87 -7.35 1.66
C TYR A 51 15.34 -8.02 2.95
N SER A 52 14.52 -8.90 3.53
CA SER A 52 14.89 -9.75 4.66
C SER A 52 15.95 -10.78 4.27
N ALA A 53 15.99 -11.16 2.98
CA ALA A 53 16.89 -12.20 2.45
C ALA A 53 16.88 -12.13 0.93
N THR A 54 17.81 -12.82 0.27
CA THR A 54 17.87 -12.78 -1.18
C THR A 54 16.70 -13.59 -1.72
N THR A 55 16.17 -13.17 -2.87
CA THR A 55 14.95 -13.70 -3.48
C THR A 55 14.86 -13.14 -4.89
N GLN A 56 14.19 -13.82 -5.82
N GLN A 56 14.21 -13.92 -5.77
CA GLN A 56 14.02 -13.19 -7.13
CA GLN A 56 13.83 -13.52 -7.11
C GLN A 56 12.71 -12.40 -7.18
C GLN A 56 12.91 -12.30 -7.01
N THR A 57 11.95 -12.39 -6.07
CA THR A 57 10.75 -11.55 -5.97
C THR A 57 11.14 -10.09 -5.84
N ASN A 58 10.48 -9.21 -6.59
CA ASN A 58 10.66 -7.78 -6.41
C ASN A 58 9.31 -7.12 -6.65
N ALA A 59 9.22 -5.81 -6.32
CA ALA A 59 7.94 -5.15 -6.33
C ALA A 59 8.14 -3.66 -6.54
N LYS A 60 7.04 -3.00 -6.91
N LYS A 60 7.05 -2.96 -6.89
CA LYS A 60 6.99 -1.55 -6.99
CA LYS A 60 7.05 -1.51 -6.98
C LYS A 60 5.58 -1.12 -6.62
C LYS A 60 5.61 -1.04 -6.86
N PHE A 61 5.42 0.15 -6.30
CA PHE A 61 4.07 0.63 -6.02
C PHE A 61 4.02 2.12 -6.30
N LYS A 62 2.78 2.59 -6.57
CA LYS A 62 2.49 3.99 -6.78
C LYS A 62 1.40 4.39 -5.79
N LEU A 63 1.34 5.68 -5.48
CA LEU A 63 0.40 6.20 -4.51
C LEU A 63 -0.32 7.34 -5.17
N MET A 64 -1.56 7.59 -4.72
CA MET A 64 -2.34 8.72 -5.22
C MET A 64 -3.33 9.03 -4.11
N TRP A 65 -3.79 10.29 -4.01
CA TRP A 65 -4.83 10.60 -3.03
C TRP A 65 -5.93 11.44 -3.64
N ASP A 66 -7.12 11.32 -3.07
CA ASP A 66 -8.19 12.24 -3.38
C ASP A 66 -8.82 12.71 -2.07
N ASP A 67 -9.90 13.48 -2.18
CA ASP A 67 -10.52 14.08 -1.00
C ASP A 67 -10.96 13.01 0.01
N ASN A 68 -11.23 11.76 -0.44
CA ASN A 68 -11.85 10.78 0.43
C ASN A 68 -10.92 9.60 0.80
N ALA A 69 -9.76 9.47 0.15
CA ALA A 69 -9.09 8.17 0.10
C ALA A 69 -7.63 8.31 -0.27
N LEU A 70 -6.89 7.28 0.16
CA LEU A 70 -5.57 6.98 -0.36
C LEU A 70 -5.66 5.76 -1.27
N TYR A 71 -4.82 5.75 -2.33
CA TYR A 71 -4.83 4.72 -3.38
C TYR A 71 -3.44 4.13 -3.49
N VAL A 72 -3.39 2.79 -3.63
CA VAL A 72 -2.11 2.10 -3.82
C VAL A 72 -2.24 1.23 -5.08
N LEU A 73 -1.24 1.30 -5.96
CA LEU A 73 -1.14 0.34 -7.05
C LEU A 73 0.19 -0.38 -6.85
N ALA A 74 0.16 -1.70 -6.57
CA ALA A 74 1.38 -2.43 -6.40
C ALA A 74 1.48 -3.49 -7.49
N GLU A 75 2.70 -3.65 -8.04
CA GLU A 75 2.97 -4.83 -8.86
C GLU A 75 4.13 -5.61 -8.27
N VAL A 76 3.93 -6.95 -8.23
CA VAL A 76 4.92 -7.83 -7.65
C VAL A 76 5.38 -8.79 -8.77
N TYR A 77 6.68 -8.86 -9.01
CA TYR A 77 7.30 -9.92 -9.79
C TYR A 77 7.63 -11.08 -8.84
N ASP A 78 6.98 -12.22 -9.07
CA ASP A 78 7.04 -13.37 -8.21
C ASP A 78 6.63 -14.58 -9.04
N PRO A 79 7.60 -15.39 -9.51
CA PRO A 79 7.30 -16.56 -10.34
C PRO A 79 6.58 -17.75 -9.68
N VAL A 80 6.48 -17.78 -8.34
CA VAL A 80 5.71 -18.83 -7.68
C VAL A 80 4.73 -18.19 -6.71
N LEU A 81 3.42 -18.31 -6.93
CA LEU A 81 2.45 -17.77 -6.00
C LEU A 81 1.89 -18.88 -5.13
N ASN A 82 1.90 -18.63 -3.83
CA ASN A 82 1.40 -19.62 -2.88
C ASN A 82 0.58 -18.93 -1.79
N SER A 83 -0.59 -19.45 -1.51
CA SER A 83 -1.43 -18.97 -0.44
C SER A 83 -2.04 -20.19 0.27
N ALA A 84 -1.33 -21.32 0.30
CA ALA A 84 -1.87 -22.51 0.99
C ALA A 84 -1.78 -22.41 2.54
N ASN A 85 -0.84 -21.63 3.11
CA ASN A 85 -0.72 -21.48 4.58
C ASN A 85 -1.95 -20.77 5.13
N SER A 86 -2.50 -21.18 6.28
CA SER A 86 -3.67 -20.49 6.82
C SER A 86 -3.30 -19.19 7.55
N THR A 87 -2.01 -18.99 7.86
CA THR A 87 -1.58 -17.72 8.42
C THR A 87 -1.45 -16.71 7.27
N PRO A 88 -2.24 -15.60 7.31
CA PRO A 88 -2.23 -14.59 6.24
C PRO A 88 -0.88 -14.09 5.77
N TYR A 89 0.05 -13.78 6.71
CA TYR A 89 1.29 -13.18 6.27
C TYR A 89 2.23 -14.28 5.74
N GLN A 90 1.82 -15.55 5.85
CA GLN A 90 2.59 -16.64 5.23
C GLN A 90 2.11 -16.97 3.80
N GLN A 91 1.28 -16.09 3.21
CA GLN A 91 0.86 -16.18 1.82
C GLN A 91 1.50 -15.03 1.04
N ASP A 92 1.64 -15.22 -0.26
CA ASP A 92 2.13 -14.13 -1.09
C ASP A 92 1.08 -13.01 -1.05
N SER A 93 1.46 -11.83 -0.57
CA SER A 93 0.51 -10.82 -0.14
C SER A 93 1.26 -9.49 -0.05
N VAL A 94 0.51 -8.39 -0.07
CA VAL A 94 1.11 -7.10 0.20
C VAL A 94 0.44 -6.52 1.47
N GLU A 95 1.15 -5.69 2.23
CA GLU A 95 0.58 -5.09 3.42
C GLU A 95 0.81 -3.58 3.33
N ILE A 96 -0.20 -2.84 3.81
CA ILE A 96 -0.22 -1.38 3.77
C ILE A 96 -0.46 -0.94 5.22
N PHE A 97 0.38 -0.02 5.69
CA PHE A 97 0.29 0.54 7.02
C PHE A 97 0.06 2.05 6.88
N LEU A 98 -0.83 2.61 7.71
CA LEU A 98 -1.07 4.05 7.69
C LEU A 98 -1.20 4.60 9.12
N ASP A 99 -0.47 5.70 9.40
CA ASP A 99 -0.63 6.48 10.63
C ASP A 99 -1.26 7.80 10.17
N GLU A 100 -2.60 7.82 10.20
CA GLU A 100 -3.38 8.84 9.50
C GLU A 100 -3.21 10.20 10.19
N ASN A 101 -3.16 10.22 11.54
CA ASN A 101 -2.98 11.49 12.24
C ASN A 101 -1.51 11.88 12.33
N PHE A 102 -0.58 11.02 11.91
CA PHE A 102 0.85 11.31 12.03
C PHE A 102 1.30 11.52 13.48
N ASP A 103 0.73 10.76 14.43
CA ASP A 103 1.17 10.71 15.83
C ASP A 103 2.58 10.15 15.97
N ARG A 104 2.94 9.17 15.15
N ARG A 104 2.95 9.18 15.13
CA ARG A 104 4.25 8.53 15.28
CA ARG A 104 4.23 8.48 15.26
C ARG A 104 4.41 7.92 16.68
C ARG A 104 4.41 7.91 16.67
N ALA A 105 3.34 7.42 17.29
CA ALA A 105 3.44 6.68 18.52
C ALA A 105 4.31 5.42 18.34
N ILE A 106 4.70 4.78 19.45
CA ILE A 106 5.59 3.64 19.40
C ILE A 106 4.76 2.36 19.49
N SER A 107 3.45 2.53 19.68
CA SER A 107 2.52 1.42 19.68
C SER A 107 1.22 1.90 19.01
N TYR A 108 0.32 0.98 18.64
CA TYR A 108 -0.73 1.30 17.68
C TYR A 108 -1.81 2.13 18.38
N GLN A 109 -2.18 3.28 17.79
CA GLN A 109 -3.29 4.06 18.33
C GLN A 109 -4.58 3.72 17.55
N SER A 110 -5.67 4.40 17.92
N SER A 110 -5.66 4.42 17.90
CA SER A 110 -7.00 4.17 17.38
CA SER A 110 -6.99 4.18 17.36
C SER A 110 -7.08 4.52 15.89
C SER A 110 -7.09 4.53 15.87
N ASP A 111 -6.23 5.42 15.40
CA ASP A 111 -6.24 5.84 14.01
C ASP A 111 -5.23 5.04 13.14
N ASP A 112 -4.49 4.07 13.71
CA ASP A 112 -3.43 3.40 12.95
C ASP A 112 -4.01 2.20 12.19
N LEU A 113 -3.55 2.00 10.95
CA LEU A 113 -4.14 0.97 10.09
C LEU A 113 -3.04 0.03 9.63
N HIS A 114 -3.42 -1.26 9.57
CA HIS A 114 -2.54 -2.27 8.97
C HIS A 114 -3.39 -3.31 8.25
N TYR A 115 -3.34 -3.24 6.92
CA TYR A 115 -4.17 -4.06 6.05
C TYR A 115 -3.25 -4.96 5.22
N ARG A 116 -3.83 -6.06 4.71
CA ARG A 116 -3.08 -7.05 3.91
C ARG A 116 -4.05 -7.58 2.85
N VAL A 117 -3.54 -7.85 1.63
CA VAL A 117 -4.35 -8.51 0.61
C VAL A 117 -3.41 -9.45 -0.13
N ASN A 118 -3.87 -10.69 -0.35
CA ASN A 118 -3.07 -11.65 -1.10
C ASN A 118 -3.38 -11.56 -2.62
N TYR A 119 -2.67 -12.36 -3.44
CA TYR A 119 -2.76 -12.23 -4.89
C TYR A 119 -4.15 -12.69 -5.36
N ASN A 120 -4.92 -13.46 -4.55
CA ASN A 120 -6.30 -13.85 -4.88
C ASN A 120 -7.33 -12.84 -4.36
N ASN A 121 -6.82 -11.69 -3.86
CA ASN A 121 -7.67 -10.60 -3.40
C ASN A 121 -8.34 -10.86 -2.04
N PHE A 122 -7.76 -11.83 -1.28
CA PHE A 122 -8.25 -12.11 0.07
C PHE A 122 -7.63 -11.09 1.03
N LYS A 123 -8.49 -10.34 1.70
CA LYS A 123 -8.04 -9.26 2.57
C LYS A 123 -8.11 -9.64 4.04
N THR A 124 -7.15 -9.14 4.83
CA THR A 124 -7.19 -9.23 6.29
C THR A 124 -6.85 -7.86 6.88
N THR A 125 -7.35 -7.60 8.10
CA THR A 125 -6.91 -6.42 8.85
C THR A 125 -6.15 -6.84 10.13
N ASP A 126 -4.96 -6.33 10.37
CA ASP A 126 -4.35 -6.48 11.69
C ASP A 126 -4.67 -5.27 12.60
N ALA A 127 -5.14 -4.17 12.03
CA ALA A 127 -5.49 -2.97 12.80
C ALA A 127 -6.31 -2.08 11.87
N GLY A 128 -7.48 -1.66 12.37
CA GLY A 128 -8.37 -0.74 11.69
C GLY A 128 -9.56 -1.45 11.06
N ASP A 129 -10.59 -0.69 10.77
CA ASP A 129 -11.85 -1.18 10.23
C ASP A 129 -11.62 -1.65 8.78
N ILE A 130 -11.87 -2.95 8.50
CA ILE A 130 -11.62 -3.46 7.15
C ILE A 130 -12.65 -2.91 6.15
N LEU A 131 -13.79 -2.33 6.62
CA LEU A 131 -14.77 -1.69 5.76
C LEU A 131 -14.18 -0.49 5.00
N ARG A 132 -13.03 0.02 5.42
CA ARG A 132 -12.39 1.15 4.77
C ARG A 132 -11.54 0.70 3.57
N PHE A 133 -11.32 -0.64 3.45
CA PHE A 133 -10.30 -1.19 2.56
C PHE A 133 -11.01 -1.87 1.38
N TYR A 134 -10.69 -1.41 0.17
CA TYR A 134 -11.36 -1.98 -0.99
C TYR A 134 -10.29 -2.29 -2.04
N THR A 135 -10.28 -3.55 -2.55
CA THR A 135 -9.14 -3.98 -3.35
C THR A 135 -9.62 -4.80 -4.54
N LYS A 136 -8.78 -4.84 -5.58
CA LYS A 136 -8.87 -5.79 -6.67
C LYS A 136 -7.45 -6.27 -6.98
N THR A 137 -7.34 -7.49 -7.50
CA THR A 137 -6.02 -7.97 -7.88
C THR A 137 -6.13 -8.52 -9.29
N LYS A 138 -4.98 -8.71 -9.92
CA LYS A 138 -4.96 -9.31 -11.24
C LYS A 138 -3.72 -10.19 -11.28
N LEU A 139 -3.89 -11.42 -11.80
CA LEU A 139 -2.76 -12.29 -12.13
C LEU A 139 -2.07 -11.82 -13.41
N LEU A 140 -0.75 -11.67 -13.33
CA LEU A 140 0.07 -11.27 -14.46
C LEU A 140 1.02 -12.44 -14.77
N PRO A 141 1.56 -12.53 -16.01
CA PRO A 141 2.66 -13.47 -16.29
C PRO A 141 3.77 -13.15 -15.28
N ASP A 142 4.22 -14.14 -14.50
CA ASP A 142 5.27 -13.86 -13.52
C ASP A 142 4.90 -12.93 -12.35
N GLY A 143 3.61 -12.75 -12.03
CA GLY A 143 3.39 -11.97 -10.81
C GLY A 143 1.92 -11.60 -10.64
N TYR A 144 1.70 -10.44 -10.01
CA TYR A 144 0.32 -10.07 -9.75
C TYR A 144 0.34 -8.57 -9.49
N ARG A 145 -0.85 -7.97 -9.55
CA ARG A 145 -1.01 -6.56 -9.29
C ARG A 145 -2.09 -6.44 -8.20
N VAL A 146 -1.94 -5.43 -7.31
CA VAL A 146 -2.92 -5.09 -6.30
C VAL A 146 -3.28 -3.64 -6.57
N GLU A 147 -4.58 -3.35 -6.60
CA GLU A 147 -5.03 -1.96 -6.64
C GLU A 147 -5.97 -1.76 -5.46
N ALA A 148 -5.65 -0.79 -4.59
CA ALA A 148 -6.27 -0.69 -3.26
C ALA A 148 -6.72 0.75 -3.00
N ARG A 149 -7.84 0.86 -2.29
CA ARG A 149 -8.33 2.14 -1.82
C ARG A 149 -8.52 2.04 -0.31
N ILE A 150 -7.99 3.04 0.42
CA ILE A 150 -8.25 3.18 1.85
C ILE A 150 -8.99 4.51 2.11
N ALA A 151 -10.25 4.42 2.55
CA ALA A 151 -11.08 5.58 2.88
C ALA A 151 -10.44 6.28 4.09
N LEU A 152 -10.20 7.59 3.98
CA LEU A 152 -9.57 8.41 5.01
C LEU A 152 -10.66 9.02 5.90
N SER A 153 -10.39 9.16 7.20
CA SER A 153 -11.40 9.68 8.10
C SER A 153 -11.15 11.17 8.29
N LYS A 154 -9.88 11.56 8.35
CA LYS A 154 -9.51 12.96 8.37
C LYS A 154 -9.53 13.48 6.93
N LYS A 155 -10.09 14.68 6.72
CA LYS A 155 -10.12 15.29 5.39
C LYS A 155 -8.70 15.65 4.98
N PRO A 156 -8.12 15.05 3.92
CA PRO A 156 -6.76 15.43 3.56
C PRO A 156 -6.79 16.71 2.73
N ILE A 157 -5.71 17.47 2.81
CA ILE A 157 -5.54 18.70 2.08
C ILE A 157 -4.09 18.70 1.64
N ASN A 158 -3.72 19.60 0.72
CA ASN A 158 -2.34 19.73 0.30
C ASN A 158 -1.47 20.01 1.52
N GLY A 159 -0.37 19.28 1.66
CA GLY A 159 0.55 19.44 2.77
C GLY A 159 0.28 18.48 3.94
N THR A 160 -0.89 17.83 4.00
CA THR A 160 -1.09 16.73 4.93
C THR A 160 0.09 15.75 4.92
N ILE A 161 0.52 15.34 6.12
CA ILE A 161 1.55 14.32 6.23
C ILE A 161 0.95 13.15 6.99
N MET A 162 1.16 11.92 6.44
CA MET A 162 0.80 10.71 7.16
C MET A 162 2.01 9.79 7.27
N GLY A 163 2.00 8.93 8.30
CA GLY A 163 2.96 7.84 8.30
C GLY A 163 2.43 6.72 7.38
N PHE A 164 3.37 6.06 6.69
CA PHE A 164 2.99 5.02 5.74
C PHE A 164 4.10 3.97 5.73
N GLU A 165 3.72 2.70 5.57
CA GLU A 165 4.66 1.65 5.20
C GLU A 165 4.00 0.73 4.15
N PHE A 166 4.84 0.08 3.34
CA PHE A 166 4.50 -0.92 2.34
C PHE A 166 5.41 -2.15 2.55
N GLN A 167 4.80 -3.34 2.54
CA GLN A 167 5.53 -4.60 2.66
C GLN A 167 4.97 -5.65 1.67
N VAL A 168 5.88 -6.47 1.12
CA VAL A 168 5.49 -7.66 0.39
C VAL A 168 5.94 -8.84 1.21
N ASN A 169 5.04 -9.81 1.38
CA ASN A 169 5.37 -11.13 1.90
C ASN A 169 5.54 -12.09 0.71
N GLU A 170 6.72 -12.70 0.62
CA GLU A 170 6.99 -13.70 -0.39
C GLU A 170 6.97 -15.10 0.20
N ALA A 171 6.04 -15.93 -0.31
CA ALA A 171 5.92 -17.32 0.09
C ALA A 171 6.45 -18.22 -1.02
N ASP A 172 6.88 -19.45 -0.70
CA ASP A 172 7.38 -20.36 -1.74
C ASP A 172 6.47 -21.58 -1.85
N SER A 173 6.89 -22.58 -2.65
CA SER A 173 6.01 -23.73 -2.86
C SER A 173 5.91 -24.61 -1.62
N SER A 174 6.72 -24.35 -0.57
CA SER A 174 6.48 -25.00 0.72
C SER A 174 5.33 -24.36 1.49
N ALA A 175 4.66 -23.33 0.95
CA ALA A 175 3.50 -22.75 1.64
C ALA A 175 3.88 -22.04 2.95
N ARG A 176 5.03 -21.36 2.95
CA ARG A 176 5.55 -20.57 4.06
C ARG A 176 6.14 -19.29 3.50
N ARG A 177 6.15 -18.21 4.29
CA ARG A 177 6.90 -17.03 3.89
C ARG A 177 8.40 -17.28 4.03
N VAL A 178 9.17 -16.92 3.01
CA VAL A 178 10.61 -17.07 3.01
C VAL A 178 11.30 -15.72 2.93
N ALA A 179 10.55 -14.63 2.63
CA ALA A 179 11.18 -13.33 2.48
C ALA A 179 10.14 -12.21 2.65
N THR A 180 10.63 -11.03 3.02
CA THR A 180 9.84 -9.81 3.07
C THR A 180 10.59 -8.74 2.31
N ILE A 181 9.80 -7.84 1.72
CA ILE A 181 10.33 -6.61 1.15
C ILE A 181 9.60 -5.45 1.82
N ASN A 182 10.38 -4.43 2.23
CA ASN A 182 9.83 -3.26 2.88
C ASN A 182 10.29 -1.98 2.20
N MET A 183 9.46 -0.94 2.29
CA MET A 183 9.82 0.36 1.71
C MET A 183 10.74 1.09 2.72
N PHE A 184 10.31 1.15 3.98
CA PHE A 184 10.85 2.05 5.00
C PHE A 184 11.44 1.34 6.23
N ASP A 185 10.76 0.32 6.80
CA ASP A 185 11.23 -0.29 8.03
C ASP A 185 12.15 -1.49 7.75
N ASN A 186 13.36 -1.47 8.31
CA ASN A 186 14.26 -2.62 8.19
C ASN A 186 14.32 -3.48 9.46
N THR A 187 13.41 -3.29 10.42
CA THR A 187 13.59 -3.91 11.72
C THR A 187 12.55 -4.98 12.01
N GLY A 188 11.59 -5.19 11.10
CA GLY A 188 10.57 -6.23 11.30
C GLY A 188 9.48 -5.79 12.26
N ASN A 189 9.35 -4.47 12.53
CA ASN A 189 8.52 -4.10 13.67
C ASN A 189 7.35 -3.16 13.36
N ALA A 190 7.20 -2.76 12.08
CA ALA A 190 6.11 -1.91 11.63
C ALA A 190 4.77 -2.45 12.09
N TRP A 191 4.67 -3.78 12.22
CA TRP A 191 3.40 -4.32 12.67
C TRP A 191 3.04 -3.93 14.11
N GLN A 192 4.03 -3.39 14.86
CA GLN A 192 3.90 -3.16 16.30
C GLN A 192 4.12 -1.70 16.63
N ASN A 193 4.85 -0.99 15.78
CA ASN A 193 5.41 0.32 16.08
C ASN A 193 5.21 1.31 14.93
N PRO A 194 4.18 2.19 15.00
CA PRO A 194 3.94 3.18 13.93
C PRO A 194 5.06 4.17 13.67
N SER A 195 5.94 4.39 14.67
CA SER A 195 7.02 5.35 14.54
C SER A 195 8.07 4.85 13.57
N LEU A 196 7.98 3.58 13.18
CA LEU A 196 8.92 3.05 12.21
C LEU A 196 8.45 3.31 10.77
N PHE A 197 7.19 3.78 10.59
CA PHE A 197 6.67 4.02 9.23
C PHE A 197 7.48 5.16 8.61
N GLY A 198 7.55 5.22 7.27
CA GLY A 198 8.00 6.42 6.58
C GLY A 198 6.89 7.46 6.52
N GLU A 199 7.08 8.45 5.64
CA GLU A 199 6.15 9.56 5.49
C GLU A 199 5.66 9.67 4.04
N ILE A 200 4.37 10.01 3.93
CA ILE A 200 3.85 10.49 2.68
C ILE A 200 3.34 11.92 2.93
N LYS A 201 3.58 12.78 1.95
CA LYS A 201 3.03 14.12 1.99
C LYS A 201 2.19 14.33 0.73
N LEU A 202 0.93 14.72 0.95
CA LEU A 202 -0.08 14.92 -0.10
C LEU A 202 0.11 16.30 -0.72
N LYS A 203 0.21 16.32 -2.06
CA LYS A 203 0.26 17.57 -2.82
C LYS A 203 -0.63 17.49 -4.08
N GLY A 204 -0.81 18.65 -4.75
CA GLY A 204 -1.22 18.76 -6.15
C GLY A 204 -2.73 18.96 -6.32
N ARG A 205 -3.48 19.17 -5.23
CA ARG A 205 -4.90 19.36 -5.43
C ARG A 205 -5.13 20.82 -5.82
N SER A 206 -5.86 21.07 -6.91
CA SER A 206 -6.21 22.44 -7.28
C SER A 206 -7.08 23.09 -6.21
N ASP A 207 -6.90 24.39 -6.01
CA ASP A 207 -7.74 25.12 -5.06
C ASP A 207 -9.08 25.46 -5.69
N ASN A 208 -9.05 25.85 -6.96
CA ASN A 208 -10.22 26.33 -7.68
C ASN A 208 -11.07 25.13 -8.09
N ALA A 209 -10.55 24.33 -9.04
CA ALA A 209 -11.04 23.03 -9.51
C ALA A 209 -12.44 23.12 -10.14
N VAL A 210 -12.84 24.33 -10.58
CA VAL A 210 -14.20 24.65 -10.99
C VAL A 210 -14.26 24.94 -12.50
N VAL A 211 -15.04 25.98 -12.87
CA VAL A 211 -15.40 26.42 -14.23
C VAL A 211 -16.24 25.36 -14.95
N PRO A 212 -17.00 25.72 -16.02
CA PRO A 212 -17.79 24.74 -16.77
C PRO A 212 -16.93 23.70 -17.50
N ILE A 213 -17.57 22.57 -17.86
CA ILE A 213 -17.02 21.60 -18.80
C ILE A 213 -17.05 22.24 -20.19
N ASN A 214 -15.88 22.41 -20.82
CA ASN A 214 -15.91 22.88 -22.20
C ASN A 214 -15.89 21.66 -23.12
N PRO A 215 -16.91 21.50 -23.99
CA PRO A 215 -16.89 20.44 -25.01
C PRO A 215 -15.88 20.75 -26.13
#